data_4MN7
#
_entry.id   4MN7
#
_cell.length_a   120.080
_cell.length_b   120.080
_cell.length_c   66.911
_cell.angle_alpha   90.00
_cell.angle_beta   90.00
_cell.angle_gamma   90.00
#
_symmetry.space_group_name_H-M   'P 41 21 2'
#
loop_
_entity.id
_entity.type
_entity.pdbx_description
1 polymer 'Putative uncharacterized protein Ta0848'
2 non-polymer 'METHIONINE SULFOXIDE'
3 water water
#
_entity_poly.entity_id   1
_entity_poly.type   'polypeptide(L)'
_entity_poly.pdbx_seq_one_letter_code
;MDLKEFARSQMQAACQYLKEKNPKYDWVGFYVLEHGKLKLEAFVGEKTDHVEINLGDGLCSLAVLKNDIVNEYDVKSNPK
YLASFPSTQSEIVVPVRYQGEPIGEIDIDSDKKAAFSKEDEAMLSSIADLMAPLVHEFFVKLEHHHHHH
;
_entity_poly.pdbx_strand_id   A,B
#
# COMPACT_ATOMS: atom_id res chain seq x y z
N MET A 1 14.24 6.29 -5.26
CA MET A 1 13.06 7.24 -5.42
C MET A 1 12.36 7.58 -4.06
N ASP A 2 11.83 8.81 -3.99
CA ASP A 2 10.90 9.18 -2.93
C ASP A 2 9.73 8.16 -2.93
N LEU A 3 9.14 7.88 -4.11
CA LEU A 3 8.13 6.80 -4.30
C LEU A 3 8.54 5.37 -3.94
N LYS A 4 9.78 4.99 -4.27
CA LYS A 4 10.29 3.73 -3.78
C LYS A 4 10.36 3.70 -2.31
N GLU A 5 10.81 4.80 -1.67
CA GLU A 5 10.85 4.76 -0.24
C GLU A 5 9.45 4.78 0.36
N PHE A 6 8.51 5.47 -0.28
CA PHE A 6 7.12 5.42 0.13
C PHE A 6 6.59 3.98 0.00
N ALA A 7 6.84 3.35 -1.14
CA ALA A 7 6.42 1.97 -1.36
C ALA A 7 7.01 1.04 -0.35
N ARG A 8 8.28 1.23 -0.05
CA ARG A 8 8.91 0.33 0.93
C ARG A 8 8.29 0.47 2.30
N SER A 9 7.91 1.71 2.71
CA SER A 9 7.25 1.86 4.01
C SER A 9 5.84 1.20 4.01
N GLN A 10 5.11 1.29 2.90
CA GLN A 10 3.84 0.53 2.76
C GLN A 10 4.04 -0.96 2.92
N MET A 11 5.01 -1.51 2.21
CA MET A 11 5.29 -2.97 2.28
C MET A 11 5.68 -3.36 3.69
N GLN A 12 6.52 -2.54 4.28
CA GLN A 12 6.91 -2.74 5.67
C GLN A 12 5.72 -2.77 6.65
N ALA A 13 4.84 -1.79 6.49
CA ALA A 13 3.59 -1.72 7.28
C ALA A 13 2.71 -2.95 7.00
N ALA A 14 2.64 -3.38 5.74
CA ALA A 14 1.92 -4.63 5.42
C ALA A 14 2.51 -5.88 6.13
N CYS A 15 3.83 -6.03 6.10
CA CYS A 15 4.47 -7.15 6.82
C CYS A 15 4.15 -7.09 8.33
N GLN A 16 4.11 -5.88 8.89
CA GLN A 16 3.85 -5.69 10.30
C GLN A 16 2.40 -6.09 10.63
N TYR A 17 1.43 -5.54 9.89
CA TYR A 17 0.08 -6.00 10.03
C TYR A 17 -0.04 -7.51 9.89
N LEU A 18 0.55 -8.07 8.85
CA LEU A 18 0.41 -9.53 8.67
C LEU A 18 0.93 -10.35 9.88
N LYS A 19 2.04 -9.91 10.43
CA LYS A 19 2.68 -10.64 11.53
C LYS A 19 1.95 -10.40 12.85
N GLU A 20 1.66 -9.15 13.16
CA GLU A 20 0.84 -8.83 14.36
C GLU A 20 -0.56 -9.41 14.33
N LYS A 21 -1.23 -9.45 13.19
CA LYS A 21 -2.63 -9.88 13.26
C LYS A 21 -2.86 -11.33 13.13
N ASN A 22 -1.81 -12.10 12.89
CA ASN A 22 -2.02 -13.53 12.67
C ASN A 22 -1.05 -14.26 13.56
N PRO A 23 -1.59 -15.02 14.51
CA PRO A 23 -0.74 -15.66 15.52
C PRO A 23 0.25 -16.70 15.00
N LYS A 24 -0.06 -17.36 13.90
CA LYS A 24 0.84 -18.37 13.32
C LYS A 24 1.87 -17.78 12.35
N TYR A 25 1.76 -16.50 12.01
CA TYR A 25 2.65 -15.90 11.01
C TYR A 25 3.85 -15.41 11.75
N ASP A 26 5.01 -16.08 11.58
CA ASP A 26 6.22 -15.72 12.33
C ASP A 26 7.27 -14.91 11.59
N TRP A 27 7.25 -14.93 10.24
CA TRP A 27 8.14 -14.15 9.42
C TRP A 27 7.33 -13.78 8.17
N VAL A 28 7.37 -12.51 7.82
CA VAL A 28 6.72 -12.02 6.65
C VAL A 28 7.68 -11.19 5.82
N GLY A 29 7.75 -11.51 4.55
CA GLY A 29 8.56 -10.74 3.63
C GLY A 29 8.01 -10.58 2.23
N PHE A 30 8.43 -9.48 1.60
CA PHE A 30 8.19 -9.25 0.23
C PHE A 30 9.49 -9.38 -0.53
N TYR A 31 9.45 -10.32 -1.47
CA TYR A 31 10.49 -10.47 -2.45
C TYR A 31 10.02 -9.91 -3.74
N VAL A 32 10.91 -9.21 -4.45
CA VAL A 32 10.51 -8.60 -5.70
C VAL A 32 11.48 -9.02 -6.79
N LEU A 33 10.99 -9.21 -8.01
CA LEU A 33 11.87 -9.56 -9.14
C LEU A 33 12.58 -8.35 -9.68
N GLU A 34 13.92 -8.41 -9.67
CA GLU A 34 14.72 -7.32 -10.09
C GLU A 34 15.78 -7.98 -10.96
N HIS A 35 15.78 -7.66 -12.26
CA HIS A 35 16.73 -8.24 -13.24
C HIS A 35 16.77 -9.77 -13.17
N GLY A 36 15.61 -10.35 -13.03
CA GLY A 36 15.49 -11.81 -13.14
C GLY A 36 15.90 -12.58 -11.91
N LYS A 37 16.06 -11.87 -10.80
CA LYS A 37 16.28 -12.50 -9.54
C LYS A 37 15.41 -11.88 -8.43
N LEU A 38 15.03 -12.71 -7.47
CA LEU A 38 14.26 -12.24 -6.33
C LEU A 38 15.15 -11.45 -5.35
N LYS A 39 14.65 -10.29 -4.90
CA LYS A 39 15.30 -9.45 -3.93
C LYS A 39 14.36 -9.10 -2.77
N LEU A 40 14.75 -9.42 -1.54
CA LEU A 40 13.93 -9.04 -0.38
C LEU A 40 13.93 -7.53 -0.20
N GLU A 41 12.78 -6.89 -0.30
CA GLU A 41 12.73 -5.46 -0.10
C GLU A 41 12.06 -4.99 1.21
N ALA A 42 11.35 -5.87 1.88
CA ALA A 42 10.79 -5.58 3.17
C ALA A 42 10.48 -6.88 3.85
N PHE A 43 10.63 -6.87 5.18
CA PHE A 43 10.22 -7.99 6.03
C PHE A 43 10.06 -7.61 7.49
N VAL A 44 9.30 -8.41 8.21
CA VAL A 44 9.30 -8.37 9.65
C VAL A 44 9.60 -9.73 10.17
N GLY A 45 10.45 -9.75 11.20
CA GLY A 45 10.83 -10.99 11.90
C GLY A 45 12.36 -11.09 11.97
N GLU A 46 12.84 -12.28 12.26
CA GLU A 46 14.29 -12.57 12.33
C GLU A 46 14.99 -12.36 10.97
N LYS A 47 16.28 -12.04 11.01
CA LYS A 47 17.10 -11.84 9.82
C LYS A 47 17.22 -13.07 9.00
N THR A 48 17.07 -12.96 7.70
CA THR A 48 17.26 -14.15 6.85
C THR A 48 18.57 -14.01 6.13
N ASP A 49 19.16 -15.14 5.79
CA ASP A 49 20.35 -15.15 4.94
C ASP A 49 20.00 -15.09 3.44
N HIS A 50 18.72 -15.28 3.10
CA HIS A 50 18.31 -15.38 1.73
C HIS A 50 17.66 -14.12 1.28
N VAL A 51 18.52 -13.17 0.95
CA VAL A 51 18.16 -11.84 0.53
C VAL A 51 18.00 -11.78 -0.98
N GLU A 52 18.86 -12.49 -1.72
CA GLU A 52 18.73 -12.64 -3.20
C GLU A 52 18.54 -14.10 -3.50
N ILE A 53 17.53 -14.40 -4.31
CA ILE A 53 17.19 -15.80 -4.65
C ILE A 53 17.11 -15.95 -6.15
N ASN A 54 18.04 -16.71 -6.69
CA ASN A 54 18.02 -17.08 -8.09
C ASN A 54 16.88 -18.02 -8.36
N LEU A 55 16.24 -17.88 -9.52
CA LEU A 55 15.16 -18.75 -9.92
C LEU A 55 15.64 -20.18 -9.90
N GLY A 56 15.06 -20.97 -9.02
CA GLY A 56 15.61 -22.24 -8.67
C GLY A 56 14.57 -23.23 -8.23
N ASP A 57 14.96 -24.03 -7.26
CA ASP A 57 14.11 -25.08 -6.66
C ASP A 57 13.30 -24.74 -5.38
N GLY A 58 13.65 -23.67 -4.64
CA GLY A 58 12.95 -23.32 -3.40
C GLY A 58 11.48 -22.93 -3.59
N LEU A 59 10.74 -22.81 -2.49
CA LEU A 59 9.35 -22.36 -2.59
C LEU A 59 9.28 -20.90 -3.09
N CYS A 60 10.23 -20.08 -2.72
CA CYS A 60 10.19 -18.71 -3.16
C CYS A 60 10.20 -18.69 -4.73
N SER A 61 11.03 -19.50 -5.36
CA SER A 61 11.08 -19.48 -6.82
C SER A 61 9.85 -20.04 -7.39
N LEU A 62 9.40 -21.13 -6.76
CA LEU A 62 8.28 -21.88 -7.31
C LEU A 62 7.06 -21.00 -7.54
N ALA A 63 6.76 -20.08 -6.62
CA ALA A 63 5.52 -19.29 -6.75
C ALA A 63 5.58 -18.41 -8.00
N VAL A 64 6.76 -17.90 -8.28
CA VAL A 64 6.94 -17.04 -9.40
C VAL A 64 6.99 -17.89 -10.65
N LEU A 65 7.59 -19.07 -10.60
CA LEU A 65 7.80 -19.86 -11.80
C LEU A 65 6.46 -20.48 -12.20
N LYS A 66 5.69 -20.96 -11.23
CA LYS A 66 4.39 -21.52 -11.51
C LYS A 66 3.35 -20.41 -11.62
N ASN A 67 3.65 -19.20 -11.16
CA ASN A 67 2.61 -18.17 -10.99
C ASN A 67 1.42 -18.62 -10.18
N ASP A 68 1.65 -19.14 -9.00
CA ASP A 68 0.54 -19.62 -8.19
C ASP A 68 1.04 -19.71 -6.76
N ILE A 69 0.14 -19.87 -5.81
CA ILE A 69 0.48 -20.04 -4.42
C ILE A 69 1.22 -21.35 -4.22
N VAL A 70 2.24 -21.30 -3.38
CA VAL A 70 2.92 -22.54 -2.98
C VAL A 70 2.74 -22.58 -1.48
N ASN A 71 2.20 -23.67 -0.99
CA ASN A 71 1.90 -23.75 0.45
C ASN A 71 2.45 -25.04 0.93
N GLU A 72 3.58 -25.02 1.66
CA GLU A 72 4.18 -26.23 2.24
C GLU A 72 3.69 -26.42 3.68
N TYR A 73 2.88 -27.44 3.89
CA TYR A 73 2.25 -27.76 5.20
C TYR A 73 3.25 -28.33 6.23
N ASP A 74 4.32 -28.97 5.70
CA ASP A 74 5.30 -29.71 6.49
C ASP A 74 6.73 -29.66 5.89
N VAL A 75 7.44 -28.58 6.19
CA VAL A 75 8.75 -28.24 5.61
C VAL A 75 9.82 -29.29 5.97
N LYS A 76 9.89 -29.65 7.23
CA LYS A 76 10.97 -30.50 7.72
C LYS A 76 10.81 -31.86 7.08
N SER A 77 9.56 -32.31 6.96
CA SER A 77 9.31 -33.62 6.34
C SER A 77 9.23 -33.56 4.77
N ASN A 78 9.73 -32.47 4.19
CA ASN A 78 9.89 -32.39 2.77
C ASN A 78 11.38 -32.35 2.54
N PRO A 79 11.94 -33.50 2.14
CA PRO A 79 13.39 -33.61 2.02
C PRO A 79 13.98 -32.85 0.82
N LYS A 80 13.17 -32.24 -0.05
CA LYS A 80 13.70 -31.45 -1.18
C LYS A 80 13.92 -29.96 -0.91
N TYR A 81 13.31 -29.43 0.15
CA TYR A 81 13.44 -28.01 0.47
C TYR A 81 14.00 -27.73 1.84
N LEU A 82 14.78 -26.67 1.96
CA LEU A 82 15.27 -26.22 3.30
C LEU A 82 14.66 -24.87 3.56
N ALA A 83 14.27 -24.64 4.80
CA ALA A 83 13.82 -23.32 5.22
C ALA A 83 15.00 -22.39 5.54
N SER A 84 14.66 -21.14 5.82
CA SER A 84 15.60 -20.12 6.23
C SER A 84 15.78 -20.09 7.73
N PHE A 85 14.89 -20.75 8.46
CA PHE A 85 14.90 -20.73 9.91
C PHE A 85 14.57 -22.10 10.40
N PRO A 86 15.28 -22.49 11.46
CA PRO A 86 15.15 -23.84 11.90
C PRO A 86 13.80 -24.07 12.58
N SER A 87 13.26 -23.02 13.20
CA SER A 87 11.90 -23.14 13.78
C SER A 87 10.76 -23.34 12.77
N THR A 88 10.98 -23.04 11.49
CA THR A 88 9.88 -23.05 10.56
C THR A 88 9.38 -24.45 10.33
N GLN A 89 8.08 -24.64 10.45
CA GLN A 89 7.43 -25.85 10.07
C GLN A 89 6.50 -25.69 8.93
N SER A 90 6.02 -24.49 8.64
CA SER A 90 5.22 -24.34 7.40
C SER A 90 5.51 -23.00 6.76
N GLU A 91 5.27 -22.94 5.46
CA GLU A 91 5.62 -21.78 4.68
C GLU A 91 4.70 -21.64 3.46
N ILE A 92 4.31 -20.39 3.17
CA ILE A 92 3.42 -20.10 2.06
C ILE A 92 4.03 -18.94 1.31
N VAL A 93 4.00 -19.06 0.00
CA VAL A 93 4.53 -18.05 -0.87
C VAL A 93 3.42 -17.72 -1.85
N VAL A 94 3.05 -16.45 -1.91
CA VAL A 94 1.90 -16.02 -2.68
C VAL A 94 2.41 -15.04 -3.69
N PRO A 95 2.23 -15.30 -4.99
CA PRO A 95 2.72 -14.38 -6.05
C PRO A 95 2.05 -13.04 -6.03
N VAL A 96 2.81 -11.99 -6.32
CA VAL A 96 2.27 -10.63 -6.51
C VAL A 96 2.22 -10.38 -7.99
N ARG A 97 1.04 -10.18 -8.55
CA ARG A 97 0.90 -9.98 -9.97
C ARG A 97 0.59 -8.55 -10.45
N TYR A 98 1.18 -8.22 -11.59
CA TYR A 98 1.03 -6.90 -12.21
C TYR A 98 0.84 -7.13 -13.70
N GLN A 99 -0.35 -6.81 -14.18
CA GLN A 99 -0.76 -7.12 -15.54
C GLN A 99 -0.70 -8.61 -15.79
N GLY A 100 -1.24 -9.41 -14.87
CA GLY A 100 -1.31 -10.85 -15.03
C GLY A 100 -0.02 -11.64 -14.82
N GLU A 101 1.13 -10.96 -14.75
CA GLU A 101 2.43 -11.58 -14.60
C GLU A 101 3.01 -11.36 -13.19
N PRO A 102 3.71 -12.33 -12.71
CA PRO A 102 4.30 -12.23 -11.40
C PRO A 102 5.42 -11.22 -11.39
N ILE A 103 5.43 -10.35 -10.39
CA ILE A 103 6.54 -9.37 -10.26
C ILE A 103 7.25 -9.48 -8.93
N GLY A 104 6.77 -10.39 -8.12
CA GLY A 104 7.27 -10.57 -6.80
C GLY A 104 6.37 -11.47 -6.00
N GLU A 105 6.55 -11.48 -4.69
CA GLU A 105 5.77 -12.41 -3.84
C GLU A 105 5.73 -12.01 -2.41
N ILE A 106 4.82 -12.60 -1.66
CA ILE A 106 4.80 -12.49 -0.21
C ILE A 106 5.18 -13.88 0.27
N ASP A 107 6.21 -13.96 1.11
CA ASP A 107 6.71 -15.19 1.71
C ASP A 107 6.48 -15.14 3.18
N ILE A 108 5.77 -16.14 3.68
CA ILE A 108 5.50 -16.20 5.13
C ILE A 108 5.84 -17.57 5.72
N ASP A 109 6.57 -17.56 6.83
CA ASP A 109 6.97 -18.74 7.57
C ASP A 109 6.13 -18.79 8.86
N SER A 110 5.77 -20.01 9.23
CA SER A 110 5.19 -20.29 10.51
C SER A 110 6.04 -21.36 11.24
N ASP A 111 6.18 -21.18 12.56
CA ASP A 111 6.76 -22.21 13.43
C ASP A 111 5.79 -23.35 13.70
N LYS A 112 4.53 -23.22 13.30
CA LYS A 112 3.53 -24.27 13.51
C LYS A 112 3.35 -25.03 12.24
N LYS A 113 2.92 -26.25 12.35
CA LYS A 113 2.72 -27.06 11.19
C LYS A 113 1.38 -26.70 10.54
N ALA A 114 1.26 -26.92 9.24
CA ALA A 114 -0.01 -26.68 8.53
C ALA A 114 -0.72 -25.38 8.99
N ALA A 115 0.05 -24.31 9.08
CA ALA A 115 -0.41 -23.04 9.55
C ALA A 115 -1.40 -22.33 8.57
N PHE A 116 -1.31 -22.66 7.29
CA PHE A 116 -1.93 -21.86 6.23
C PHE A 116 -3.06 -22.64 5.58
N SER A 117 -4.27 -22.23 5.90
CA SER A 117 -5.47 -22.88 5.38
C SER A 117 -5.91 -22.21 4.07
N LYS A 118 -6.97 -22.71 3.47
CA LYS A 118 -7.57 -22.14 2.27
C LYS A 118 -8.01 -20.72 2.48
N GLU A 119 -8.54 -20.43 3.66
CA GLU A 119 -8.92 -19.06 4.06
C GLU A 119 -7.70 -18.12 3.92
N ASP A 120 -6.57 -18.54 4.45
CA ASP A 120 -5.31 -17.79 4.38
C ASP A 120 -4.83 -17.56 2.96
N GLU A 121 -4.91 -18.60 2.18
CA GLU A 121 -4.58 -18.51 0.82
C GLU A 121 -5.36 -17.44 0.11
N ALA A 122 -6.68 -17.47 0.27
CA ALA A 122 -7.56 -16.52 -0.44
C ALA A 122 -7.34 -15.08 0.10
N MET A 123 -7.13 -14.95 1.39
CA MET A 123 -6.95 -13.60 1.97
C MET A 123 -5.63 -13.06 1.50
N LEU A 124 -4.59 -13.89 1.52
CA LEU A 124 -3.27 -13.45 1.02
C LEU A 124 -3.25 -13.14 -0.48
N SER A 125 -3.99 -13.88 -1.32
CA SER A 125 -4.15 -13.49 -2.72
C SER A 125 -4.75 -12.12 -2.88
N SER A 126 -5.77 -11.83 -2.09
CA SER A 126 -6.37 -10.51 -2.13
C SER A 126 -5.35 -9.46 -1.71
N ILE A 127 -4.64 -9.75 -0.64
CA ILE A 127 -3.66 -8.79 -0.15
C ILE A 127 -2.56 -8.49 -1.16
N ALA A 128 -2.06 -9.57 -1.76
CA ALA A 128 -1.08 -9.47 -2.78
C ALA A 128 -1.55 -8.61 -3.94
N ASP A 129 -2.82 -8.70 -4.27
CA ASP A 129 -3.36 -7.96 -5.37
C ASP A 129 -3.49 -6.46 -5.00
N LEU A 130 -3.93 -6.17 -3.77
CA LEU A 130 -4.05 -4.78 -3.33
C LEU A 130 -2.69 -4.07 -3.24
N MET A 131 -1.65 -4.82 -2.91
CA MET A 131 -0.30 -4.31 -2.73
C MET A 131 0.49 -4.24 -4.02
N ALA A 132 -0.03 -4.83 -5.09
CA ALA A 132 0.79 -4.94 -6.30
C ALA A 132 1.35 -3.64 -6.88
N PRO A 133 0.57 -2.57 -6.94
CA PRO A 133 1.19 -1.37 -7.52
C PRO A 133 2.35 -0.90 -6.72
N LEU A 134 2.25 -1.07 -5.42
CA LEU A 134 3.29 -0.64 -4.58
C LEU A 134 4.52 -1.49 -4.76
N VAL A 135 4.37 -2.80 -4.79
CA VAL A 135 5.52 -3.73 -4.97
C VAL A 135 6.13 -3.48 -6.35
N HIS A 136 5.30 -3.11 -7.30
CA HIS A 136 5.76 -2.84 -8.65
C HIS A 136 6.77 -1.71 -8.73
N GLU A 137 6.72 -0.77 -7.83
CA GLU A 137 7.73 0.27 -7.80
C GLU A 137 9.13 -0.28 -7.68
N PHE A 138 9.28 -1.49 -7.13
CA PHE A 138 10.60 -2.14 -7.09
C PHE A 138 10.87 -3.10 -8.25
N PHE A 139 9.86 -3.38 -9.04
CA PHE A 139 10.01 -4.37 -10.07
C PHE A 139 10.94 -3.83 -11.13
N VAL A 140 11.87 -4.66 -11.60
CA VAL A 140 12.77 -4.30 -12.73
C VAL A 140 12.94 -5.51 -13.66
N LYS A 141 12.53 -5.32 -14.89
CA LYS A 141 12.64 -6.30 -15.95
C LYS A 141 14.08 -6.65 -16.27
N LEU A 142 14.31 -7.91 -16.56
CA LEU A 142 15.62 -8.39 -16.99
C LEU A 142 15.85 -7.97 -18.43
N GLU A 143 16.89 -7.18 -18.69
CA GLU A 143 17.12 -6.81 -20.04
C GLU A 143 18.56 -7.04 -20.51
N HIS A 144 18.72 -8.05 -21.37
CA HIS A 144 20.04 -8.44 -21.85
C HIS A 144 20.33 -7.69 -23.11
N HIS A 145 21.59 -7.65 -23.52
CA HIS A 145 21.97 -6.93 -24.77
C HIS A 145 21.18 -7.42 -26.00
N HIS A 146 20.96 -8.73 -26.07
CA HIS A 146 20.35 -9.36 -27.21
C HIS A 146 18.85 -9.20 -27.26
N HIS A 147 18.27 -8.52 -26.27
CA HIS A 147 16.82 -8.36 -26.27
C HIS A 147 16.31 -7.36 -27.33
N HIS A 148 17.11 -6.32 -27.57
CA HIS A 148 16.80 -5.29 -28.56
C HIS A 148 18.08 -4.83 -29.27
N MET B 1 -8.02 -11.53 10.17
CA MET B 1 -7.84 -10.20 9.60
C MET B 1 -8.97 -9.92 8.60
N ASP B 2 -8.97 -8.71 8.13
CA ASP B 2 -10.04 -8.14 7.42
C ASP B 2 -9.46 -7.21 6.34
N LEU B 3 -9.96 -7.27 5.13
CA LEU B 3 -9.41 -6.43 4.10
C LEU B 3 -9.67 -4.93 4.35
N LYS B 4 -10.75 -4.60 5.02
CA LYS B 4 -11.05 -3.19 5.31
C LYS B 4 -10.04 -2.70 6.35
N GLU B 5 -9.78 -3.50 7.38
CA GLU B 5 -8.87 -3.03 8.40
C GLU B 5 -7.46 -3.08 7.88
N PHE B 6 -7.12 -4.05 7.04
CA PHE B 6 -5.86 -4.01 6.36
C PHE B 6 -5.73 -2.72 5.53
N ALA B 7 -6.71 -2.41 4.69
CA ALA B 7 -6.63 -1.17 3.94
C ALA B 7 -6.48 0.07 4.83
N ARG B 8 -7.18 0.08 5.96
CA ARG B 8 -7.12 1.22 6.91
C ARG B 8 -5.71 1.41 7.40
N SER B 9 -5.02 0.30 7.77
CA SER B 9 -3.66 0.37 8.30
C SER B 9 -2.71 0.86 7.24
N GLN B 10 -2.89 0.45 5.97
CA GLN B 10 -2.06 1.02 4.89
C GLN B 10 -2.31 2.51 4.68
N MET B 11 -3.58 2.90 4.69
CA MET B 11 -3.90 4.31 4.52
C MET B 11 -3.35 5.15 5.72
N GLN B 12 -3.44 4.59 6.93
CA GLN B 12 -2.86 5.21 8.10
C GLN B 12 -1.34 5.36 7.99
N ALA B 13 -0.64 4.29 7.60
CA ALA B 13 0.80 4.37 7.31
C ALA B 13 1.13 5.39 6.23
N ALA B 14 0.31 5.49 5.20
CA ALA B 14 0.61 6.49 4.15
C ALA B 14 0.49 7.93 4.72
N CYS B 15 -0.57 8.21 5.49
CA CYS B 15 -0.75 9.55 6.14
C CYS B 15 0.48 9.88 6.98
N GLN B 16 0.92 8.91 7.76
CA GLN B 16 2.06 9.07 8.66
C GLN B 16 3.35 9.36 7.93
N TYR B 17 3.59 8.64 6.84
CA TYR B 17 4.74 8.83 6.02
C TYR B 17 4.72 10.20 5.39
N LEU B 18 3.62 10.53 4.72
CA LEU B 18 3.54 11.84 4.05
C LEU B 18 3.75 13.03 5.06
N LYS B 19 3.19 12.92 6.24
CA LYS B 19 3.36 13.94 7.25
C LYS B 19 4.84 14.04 7.76
N GLU B 20 5.45 12.91 8.11
CA GLU B 20 6.81 12.89 8.61
C GLU B 20 7.78 13.29 7.55
N LYS B 21 7.54 12.96 6.28
CA LYS B 21 8.56 13.29 5.26
C LYS B 21 8.44 14.64 4.65
N ASN B 22 7.37 15.37 4.91
CA ASN B 22 7.20 16.65 4.25
C ASN B 22 6.91 17.67 5.34
N PRO B 23 7.90 18.49 5.70
CA PRO B 23 7.80 19.49 6.78
C PRO B 23 6.56 20.36 6.70
N LYS B 24 6.27 20.83 5.52
CA LYS B 24 5.05 21.59 5.29
C LYS B 24 3.68 20.88 5.38
N TYR B 25 3.61 19.54 5.45
CA TYR B 25 2.31 18.86 5.50
C TYR B 25 1.86 18.78 6.97
N ASP B 26 0.83 19.53 7.34
CA ASP B 26 0.44 19.59 8.73
C ASP B 26 -0.73 18.65 9.09
N TRP B 27 -1.55 18.36 8.10
CA TRP B 27 -2.65 17.44 8.28
C TRP B 27 -2.80 16.62 6.99
N VAL B 28 -2.97 15.31 7.11
CA VAL B 28 -3.07 14.43 5.92
C VAL B 28 -4.14 13.43 6.20
N GLY B 29 -5.10 13.32 5.30
CA GLY B 29 -6.17 12.32 5.50
C GLY B 29 -6.71 11.77 4.21
N PHE B 30 -7.36 10.65 4.32
CA PHE B 30 -8.04 10.04 3.21
C PHE B 30 -9.54 10.11 3.50
N TYR B 31 -10.29 10.73 2.58
CA TYR B 31 -11.68 10.62 2.53
C TYR B 31 -12.13 9.66 1.44
N VAL B 32 -13.16 8.91 1.73
CA VAL B 32 -13.70 7.98 0.83
C VAL B 32 -15.17 8.17 0.60
N LEU B 33 -15.60 7.97 -0.64
CA LEU B 33 -17.02 8.08 -0.93
C LEU B 33 -17.77 6.83 -0.49
N GLU B 34 -18.77 7.06 0.36
CA GLU B 34 -19.65 5.99 0.93
C GLU B 34 -21.06 6.54 0.94
N HIS B 35 -21.90 5.98 0.06
CA HIS B 35 -23.29 6.35 -0.06
C HIS B 35 -23.36 7.86 -0.45
N GLY B 36 -22.60 8.27 -1.45
CA GLY B 36 -22.63 9.65 -1.90
C GLY B 36 -21.93 10.66 -1.00
N LYS B 37 -21.51 10.28 0.21
CA LYS B 37 -20.87 11.23 1.14
C LYS B 37 -19.38 10.92 1.31
N LEU B 38 -18.55 11.94 1.54
CA LEU B 38 -17.13 11.72 1.82
C LEU B 38 -16.93 11.46 3.30
N LYS B 39 -16.31 10.33 3.63
CA LYS B 39 -16.04 9.97 4.99
C LYS B 39 -14.59 9.81 5.29
N LEU B 40 -14.15 10.38 6.40
CA LEU B 40 -12.75 10.31 6.77
C LEU B 40 -12.42 8.95 7.31
N GLU B 41 -11.49 8.23 6.69
CA GLU B 41 -11.18 6.86 7.17
C GLU B 41 -9.75 6.67 7.75
N ALA B 42 -8.89 7.65 7.57
CA ALA B 42 -7.55 7.63 8.09
C ALA B 42 -7.03 9.03 8.07
N PHE B 43 -6.28 9.41 9.10
CA PHE B 43 -5.64 10.75 9.07
C PHE B 43 -4.56 10.84 10.09
N VAL B 44 -3.67 11.80 9.88
CA VAL B 44 -2.72 12.21 10.89
C VAL B 44 -2.79 13.73 11.01
N GLY B 45 -2.67 14.23 12.25
CA GLY B 45 -2.73 15.68 12.55
C GLY B 45 -3.79 15.92 13.62
N GLU B 46 -4.13 17.17 13.88
CA GLU B 46 -5.16 17.45 14.86
C GLU B 46 -6.52 17.04 14.35
N LYS B 47 -7.43 16.87 15.28
CA LYS B 47 -8.73 16.30 15.01
C LYS B 47 -9.58 17.28 14.23
N THR B 48 -10.32 16.80 13.24
CA THR B 48 -11.20 17.64 12.49
C THR B 48 -12.66 17.37 12.88
N ASP B 49 -13.45 18.44 12.94
CA ASP B 49 -14.90 18.35 13.08
C ASP B 49 -15.52 17.74 11.81
N HIS B 50 -14.86 17.90 10.67
CA HIS B 50 -15.44 17.42 9.40
C HIS B 50 -15.09 15.97 9.01
N VAL B 51 -15.66 15.02 9.75
CA VAL B 51 -15.48 13.57 9.54
C VAL B 51 -16.32 13.05 8.34
N GLU B 52 -17.47 13.66 8.13
CA GLU B 52 -18.34 13.33 7.03
C GLU B 52 -18.65 14.62 6.26
N ILE B 53 -18.49 14.60 4.95
CA ILE B 53 -18.70 15.81 4.18
C ILE B 53 -19.77 15.56 3.13
N ASN B 54 -20.87 16.31 3.17
CA ASN B 54 -21.87 16.19 2.11
C ASN B 54 -21.34 16.92 0.93
N LEU B 55 -21.68 16.45 -0.25
CA LEU B 55 -21.09 17.05 -1.45
C LEU B 55 -21.64 18.49 -1.71
N GLY B 56 -20.86 19.27 -2.48
CA GLY B 56 -21.06 20.70 -2.72
C GLY B 56 -20.16 21.52 -1.83
N ASP B 57 -19.91 20.98 -0.62
CA ASP B 57 -19.03 21.62 0.41
C ASP B 57 -17.53 21.44 0.20
N GLY B 58 -16.96 22.46 -0.48
CA GLY B 58 -15.54 22.75 -0.43
C GLY B 58 -14.62 22.12 -1.46
N LEU B 59 -13.33 22.37 -1.23
CA LEU B 59 -12.25 21.79 -1.98
C LEU B 59 -12.43 20.25 -2.02
N CYS B 60 -12.85 19.66 -0.90
CA CYS B 60 -13.00 18.19 -0.84
C CYS B 60 -14.05 17.73 -1.84
N SER B 61 -15.20 18.39 -1.86
CA SER B 61 -16.23 18.01 -2.80
C SER B 61 -15.78 18.29 -4.23
N LEU B 62 -15.03 19.34 -4.38
CA LEU B 62 -14.74 19.86 -5.73
C LEU B 62 -13.82 18.89 -6.46
N ALA B 63 -12.82 18.36 -5.74
CA ALA B 63 -11.89 17.38 -6.32
C ALA B 63 -12.65 16.17 -6.87
N VAL B 64 -13.70 15.75 -6.16
CA VAL B 64 -14.50 14.63 -6.60
C VAL B 64 -15.40 15.04 -7.77
N LEU B 65 -15.98 16.25 -7.75
CA LEU B 65 -16.92 16.62 -8.82
C LEU B 65 -16.19 16.95 -10.14
N LYS B 66 -15.01 17.52 -10.07
CA LYS B 66 -14.21 17.80 -11.26
C LYS B 66 -13.30 16.64 -11.60
N ASN B 67 -13.12 15.73 -10.67
CA ASN B 67 -12.24 14.59 -10.90
C ASN B 67 -10.85 15.05 -11.25
N ASP B 68 -10.33 16.00 -10.50
CA ASP B 68 -9.02 16.45 -10.71
C ASP B 68 -8.50 17.04 -9.41
N ILE B 69 -7.20 17.26 -9.38
CA ILE B 69 -6.56 17.98 -8.33
C ILE B 69 -7.12 19.38 -8.08
N VAL B 70 -7.30 19.72 -6.81
CA VAL B 70 -7.56 21.08 -6.39
C VAL B 70 -6.49 21.49 -5.42
N ASN B 71 -5.70 22.49 -5.79
CA ASN B 71 -4.60 22.96 -5.00
C ASN B 71 -4.82 24.45 -4.71
N GLU B 72 -5.13 24.77 -3.46
CA GLU B 72 -5.48 26.12 -3.07
C GLU B 72 -4.29 26.65 -2.29
N TYR B 73 -3.61 27.62 -2.88
CA TYR B 73 -2.35 28.10 -2.33
C TYR B 73 -2.55 29.18 -1.27
N ASP B 74 -3.75 29.75 -1.23
CA ASP B 74 -4.06 30.75 -0.21
C ASP B 74 -5.51 30.65 0.20
N VAL B 75 -5.75 29.70 1.08
CA VAL B 75 -7.06 29.35 1.52
C VAL B 75 -7.82 30.58 2.07
N LYS B 76 -7.04 31.43 2.76
CA LYS B 76 -7.55 32.58 3.49
C LYS B 76 -7.75 33.80 2.61
N SER B 77 -7.21 33.82 1.41
CA SER B 77 -7.51 34.94 0.50
C SER B 77 -8.54 34.50 -0.51
N ASN B 78 -9.10 33.32 -0.30
CA ASN B 78 -10.10 32.83 -1.18
C ASN B 78 -11.34 32.98 -0.35
N PRO B 79 -12.20 33.93 -0.74
CA PRO B 79 -13.41 34.20 0.02
C PRO B 79 -14.53 33.18 -0.28
N LYS B 80 -14.27 32.21 -1.16
CA LYS B 80 -15.29 31.16 -1.44
C LYS B 80 -15.07 29.89 -0.67
N TYR B 81 -13.92 29.77 0.02
CA TYR B 81 -13.80 28.68 1.01
C TYR B 81 -13.07 28.92 2.39
N LEU B 82 -13.55 28.19 3.42
CA LEU B 82 -12.93 28.04 4.77
C LEU B 82 -12.22 26.71 4.96
N ALA B 83 -10.94 26.72 5.30
CA ALA B 83 -10.32 25.50 5.82
C ALA B 83 -11.07 24.99 7.12
N SER B 84 -10.61 23.83 7.65
CA SER B 84 -11.15 23.21 8.88
C SER B 84 -10.39 23.68 10.12
N PHE B 85 -9.21 24.30 9.93
CA PHE B 85 -8.35 24.75 10.99
C PHE B 85 -7.89 26.17 10.72
N PRO B 86 -7.87 27.02 11.76
CA PRO B 86 -7.44 28.42 11.56
C PRO B 86 -6.00 28.62 11.14
N SER B 87 -5.10 27.72 11.50
CA SER B 87 -3.73 27.91 11.04
C SER B 87 -3.54 27.58 9.54
N THR B 88 -4.47 26.87 8.93
CA THR B 88 -4.27 26.39 7.58
C THR B 88 -4.20 27.51 6.57
N GLN B 89 -3.14 27.56 5.78
CA GLN B 89 -3.01 28.57 4.71
C GLN B 89 -3.07 28.05 3.28
N SER B 90 -2.66 26.80 3.05
CA SER B 90 -2.91 26.15 1.76
C SER B 90 -3.46 24.75 1.95
N GLU B 91 -4.11 24.24 0.93
CA GLU B 91 -4.70 22.87 1.03
C GLU B 91 -4.75 22.26 -0.33
N ILE B 92 -4.45 20.97 -0.41
CA ILE B 92 -4.54 20.26 -1.69
C ILE B 92 -5.38 18.99 -1.55
N VAL B 93 -6.20 18.73 -2.54
CA VAL B 93 -7.07 17.57 -2.51
C VAL B 93 -6.81 16.81 -3.78
N VAL B 94 -6.42 15.55 -3.61
CA VAL B 94 -6.06 14.72 -4.78
C VAL B 94 -6.97 13.51 -4.91
N PRO B 95 -7.61 13.31 -6.08
CA PRO B 95 -8.57 12.24 -6.19
C PRO B 95 -7.95 10.88 -6.29
N VAL B 96 -8.59 9.93 -5.64
CA VAL B 96 -8.24 8.55 -5.78
C VAL B 96 -9.32 7.94 -6.64
N ARG B 97 -8.93 7.20 -7.68
CA ARG B 97 -9.90 6.58 -8.61
C ARG B 97 -10.03 5.02 -8.61
N TYR B 98 -11.13 4.54 -9.18
CA TYR B 98 -11.38 3.14 -9.45
C TYR B 98 -12.08 3.11 -10.85
N GLN B 99 -11.53 2.39 -11.80
CA GLN B 99 -12.03 2.37 -13.20
C GLN B 99 -12.31 3.79 -13.71
N GLY B 100 -11.33 4.67 -13.50
CA GLY B 100 -11.40 6.05 -13.97
C GLY B 100 -12.28 7.03 -13.23
N GLU B 101 -13.01 6.61 -12.21
CA GLU B 101 -13.93 7.45 -11.54
C GLU B 101 -13.44 7.69 -10.09
N PRO B 102 -13.66 8.89 -9.56
CA PRO B 102 -13.25 9.20 -8.18
C PRO B 102 -14.01 8.37 -7.18
N ILE B 103 -13.31 7.74 -6.25
CA ILE B 103 -13.93 6.99 -5.17
C ILE B 103 -13.57 7.58 -3.83
N GLY B 104 -12.75 8.61 -3.83
CA GLY B 104 -12.11 9.10 -2.60
C GLY B 104 -11.07 10.15 -2.94
N GLU B 105 -10.28 10.52 -1.97
CA GLU B 105 -9.32 11.57 -2.13
C GLU B 105 -8.37 11.56 -1.00
N ILE B 106 -7.17 12.07 -1.26
CA ILE B 106 -6.22 12.43 -0.22
C ILE B 106 -6.31 13.97 0.01
N ASP B 107 -6.42 14.39 1.25
CA ASP B 107 -6.63 15.81 1.56
C ASP B 107 -5.52 16.23 2.49
N ILE B 108 -4.77 17.25 2.10
CA ILE B 108 -3.65 17.73 2.89
C ILE B 108 -3.69 19.22 3.13
N ASP B 109 -3.47 19.63 4.38
CA ASP B 109 -3.50 21.04 4.80
C ASP B 109 -2.11 21.43 5.20
N SER B 110 -1.65 22.63 4.85
CA SER B 110 -0.39 23.18 5.35
C SER B 110 -0.65 24.47 6.11
N ASP B 111 0.09 24.68 7.19
CA ASP B 111 0.12 26.02 7.79
C ASP B 111 0.85 27.09 6.95
N LYS B 112 1.55 26.66 5.90
CA LYS B 112 2.30 27.58 5.08
C LYS B 112 1.52 27.94 3.86
N LYS B 113 1.73 29.17 3.39
CA LYS B 113 1.08 29.66 2.17
C LYS B 113 1.70 29.00 0.95
N ALA B 114 0.91 28.69 -0.08
CA ALA B 114 1.47 28.08 -1.33
C ALA B 114 2.40 26.93 -1.00
N ALA B 115 1.97 26.03 -0.11
CA ALA B 115 2.80 24.92 0.28
C ALA B 115 3.06 23.90 -0.85
N PHE B 116 2.17 23.79 -1.82
CA PHE B 116 2.17 22.64 -2.70
C PHE B 116 2.56 23.05 -4.09
N SER B 117 3.71 22.55 -4.55
CA SER B 117 4.25 22.87 -5.83
C SER B 117 3.71 21.88 -6.85
N LYS B 118 4.06 22.07 -8.11
CA LYS B 118 3.61 21.16 -9.18
C LYS B 118 4.30 19.79 -9.04
N GLU B 119 5.45 19.81 -8.39
CA GLU B 119 6.15 18.62 -8.00
C GLU B 119 5.41 17.87 -6.87
N ASP B 120 4.87 18.57 -5.89
CA ASP B 120 3.97 17.90 -4.97
C ASP B 120 2.78 17.31 -5.70
N GLU B 121 2.22 17.99 -6.70
CA GLU B 121 1.04 17.49 -7.31
C GLU B 121 1.34 16.15 -7.97
N ALA B 122 2.48 16.06 -8.67
CA ALA B 122 2.80 14.88 -9.46
C ALA B 122 3.05 13.72 -8.51
N MET B 123 3.74 13.99 -7.42
CA MET B 123 4.02 12.95 -6.48
C MET B 123 2.73 12.45 -5.81
N LEU B 124 1.87 13.38 -5.36
CA LEU B 124 0.65 12.98 -4.74
C LEU B 124 -0.25 12.25 -5.72
N SER B 125 -0.28 12.66 -6.97
CA SER B 125 -1.04 11.89 -7.98
C SER B 125 -0.58 10.46 -8.04
N SER B 126 0.73 10.29 -8.01
CA SER B 126 1.36 8.94 -8.12
C SER B 126 0.97 8.09 -6.94
N ILE B 127 1.02 8.71 -5.76
CA ILE B 127 0.60 8.04 -4.51
C ILE B 127 -0.87 7.63 -4.53
N ALA B 128 -1.73 8.50 -5.04
CA ALA B 128 -3.12 8.20 -5.13
C ALA B 128 -3.35 7.01 -5.99
N ASP B 129 -2.66 6.94 -7.11
CA ASP B 129 -2.75 5.73 -7.97
C ASP B 129 -2.27 4.48 -7.30
N LEU B 130 -1.20 4.58 -6.53
CA LEU B 130 -0.61 3.43 -5.93
C LEU B 130 -1.49 2.86 -4.80
N MET B 131 -2.17 3.76 -4.09
CA MET B 131 -3.06 3.41 -3.00
C MET B 131 -4.44 3.09 -3.48
N ALA B 132 -4.76 3.31 -4.73
CA ALA B 132 -6.16 3.15 -5.15
C ALA B 132 -6.84 1.84 -4.80
N PRO B 133 -6.14 0.72 -4.96
CA PRO B 133 -6.82 -0.57 -4.75
C PRO B 133 -7.15 -0.75 -3.29
N LEU B 134 -6.31 -0.17 -2.45
CA LEU B 134 -6.57 -0.17 -1.01
C LEU B 134 -7.75 0.72 -0.65
N VAL B 135 -7.73 1.95 -1.11
CA VAL B 135 -8.79 2.88 -0.80
C VAL B 135 -10.13 2.34 -1.23
N HIS B 136 -10.15 1.69 -2.37
CA HIS B 136 -11.38 1.04 -2.87
C HIS B 136 -12.11 0.07 -1.92
N GLU B 137 -11.38 -0.58 -1.01
CA GLU B 137 -12.05 -1.41 -0.02
C GLU B 137 -13.07 -0.65 0.78
N PHE B 138 -12.89 0.67 0.92
CA PHE B 138 -13.85 1.47 1.66
C PHE B 138 -15.01 2.06 0.84
N PHE B 139 -14.91 2.05 -0.48
CA PHE B 139 -15.91 2.64 -1.33
C PHE B 139 -17.24 1.92 -1.25
N VAL B 140 -18.32 2.63 -1.04
CA VAL B 140 -19.67 2.05 -1.15
C VAL B 140 -20.46 2.90 -2.13
N LYS B 141 -20.79 2.34 -3.27
CA LYS B 141 -21.43 3.11 -4.33
C LYS B 141 -22.77 3.70 -3.87
N LEU B 142 -23.26 4.67 -4.65
CA LEU B 142 -24.71 5.03 -4.65
C LEU B 142 -25.51 4.14 -5.61
N SME C . -10.86 21.97 3.89
CA SME C . -11.71 20.89 3.38
CB SME C . -12.47 20.28 4.55
CG SME C . -11.78 19.01 5.11
S SME C . -10.28 19.44 6.28
OE SME C . -8.88 19.26 5.56
CE SME C . -10.50 18.00 7.54
C SME C . -12.58 21.53 2.25
O SME C . -13.44 20.84 1.66
OXT SME C . -12.29 22.73 1.92
#